data_2HQ0
#
_entry.id   2HQ0
#
_cell.length_a   73.754
_cell.length_b   77.700
_cell.length_c   79.226
_cell.angle_alpha   90.000
_cell.angle_beta   90.000
_cell.angle_gamma   90.000
#
_symmetry.space_group_name_H-M   'P 21 21 21'
#
loop_
_entity.id
_entity.type
_entity.pdbx_description
1 polymer 'Sugar ABC transporter, sugar-binding protein'
2 non-polymer 'SODIUM ION'
3 non-polymer 'ACETATE ION'
4 water water
#
_entity_poly.entity_id   1
_entity_poly.type   'polypeptide(L)'
_entity_poly.pdbx_seq_one_letter_code
;GPSSTVTIEYFNQKKEMTKTLEEITRDFEKENPKIKVKVVNVPNAGEVLKTRVLAGDVPDVVNIYPQSIELQEWAKAGVF
EDLSNKDYLKRVKNGYAEKYAVNEKVYNVPFTANAYGIYYNKDKFEELGLKVPETWDEFEQLVKDIVAKGQTPFGIAGAD
AWTLNGYNQLAFATATGGGKEANQYLRYSQPNAIKLSDPIMKDDIKVMDILRINGSKQKNWEGAGYTDVIGAFARGDVLM
TPNGSWAITAINEQKPNFKIGTFMIPGKEKGQSLTVGAGDLAWSISATTKHPKEANAFVEYMTRPEVMQKYYDVDGSPTA
IEGVKQAGEDSPLAGMTEYAFTDRHLVWLQQYWTSEADFHTLTMNYVLTGDKQGMVNDLNAFFNPMKM
;
_entity_poly.pdbx_strand_id   A
#
# COMPACT_ATOMS: atom_id res chain seq x y z
N GLY A 1 -0.81 31.32 -38.80
CA GLY A 1 0.20 30.21 -39.02
C GLY A 1 0.07 29.06 -38.05
N PRO A 2 0.99 28.13 -38.12
CA PRO A 2 0.98 27.04 -37.20
C PRO A 2 1.42 27.42 -35.74
N SER A 3 0.92 26.66 -34.81
CA SER A 3 1.13 26.80 -33.35
C SER A 3 1.56 25.42 -33.10
N SER A 4 2.37 25.28 -32.14
CA SER A 4 2.79 23.98 -31.84
C SER A 4 2.36 23.54 -30.47
N THR A 5 1.94 24.51 -29.59
CA THR A 5 1.58 24.18 -28.20
C THR A 5 0.59 23.02 -28.17
N VAL A 6 0.85 22.00 -27.36
CA VAL A 6 -0.11 20.93 -27.12
C VAL A 6 -0.34 20.69 -25.64
N THR A 7 -1.56 20.29 -25.30
CA THR A 7 -1.93 19.95 -23.96
C THR A 7 -2.08 18.44 -23.88
N ILE A 8 -1.55 17.89 -22.78
CA ILE A 8 -1.82 16.54 -22.38
C ILE A 8 -2.43 16.54 -20.98
N GLU A 9 -3.26 15.54 -20.69
N GLU A 9 -3.20 15.51 -20.69
CA GLU A 9 -3.79 15.39 -19.35
CA GLU A 9 -3.84 15.36 -19.44
C GLU A 9 -2.94 14.43 -18.58
C GLU A 9 -3.05 14.37 -18.58
N TYR A 10 -2.81 14.70 -17.28
CA TYR A 10 -2.27 13.75 -16.31
C TYR A 10 -3.44 13.49 -15.36
N PHE A 11 -4.02 12.28 -15.38
CA PHE A 11 -5.17 11.84 -14.61
C PHE A 11 -4.67 11.37 -13.28
N ASN A 12 -4.72 12.20 -12.26
CA ASN A 12 -4.14 11.87 -10.96
C ASN A 12 -5.11 11.15 -10.04
N GLN A 13 -4.59 10.18 -9.28
CA GLN A 13 -5.38 9.62 -8.18
C GLN A 13 -4.82 9.87 -6.80
N LYS A 14 -3.65 10.53 -6.74
CA LYS A 14 -2.99 10.87 -5.42
C LYS A 14 -3.42 12.26 -5.00
N LYS A 15 -4.63 12.38 -4.49
CA LYS A 15 -5.13 13.76 -4.22
C LYS A 15 -4.32 14.49 -3.17
N GLU A 16 -3.77 13.73 -2.23
CA GLU A 16 -3.00 14.27 -1.15
C GLU A 16 -1.77 14.98 -1.61
N MET A 17 -1.33 14.64 -2.81
CA MET A 17 -0.09 15.20 -3.36
C MET A 17 -0.32 16.17 -4.48
N THR A 18 -1.53 16.65 -4.64
CA THR A 18 -1.82 17.58 -5.74
C THR A 18 -0.92 18.80 -5.78
N LYS A 19 -0.68 19.39 -4.62
CA LYS A 19 0.12 20.61 -4.59
C LYS A 19 1.51 20.38 -5.16
N THR A 20 2.15 19.29 -4.73
CA THR A 20 3.52 19.04 -5.15
C THR A 20 3.51 18.58 -6.58
N LEU A 21 2.52 17.77 -6.96
CA LEU A 21 2.41 17.40 -8.38
C LEU A 21 2.20 18.58 -9.29
N GLU A 22 1.44 19.56 -8.86
CA GLU A 22 1.29 20.77 -9.63
CA GLU A 22 1.29 20.79 -9.61
C GLU A 22 2.56 21.57 -9.71
N GLU A 23 3.34 21.65 -8.62
CA GLU A 23 4.61 22.32 -8.67
C GLU A 23 5.52 21.64 -9.69
N ILE A 24 5.58 20.29 -9.65
CA ILE A 24 6.40 19.55 -10.59
C ILE A 24 6.02 19.84 -12.02
N THR A 25 4.73 19.88 -12.25
N THR A 25 4.72 19.91 -12.27
CA THR A 25 4.23 20.14 -13.55
CA THR A 25 4.23 20.19 -13.60
C THR A 25 4.65 21.54 -14.03
C THR A 25 4.68 21.57 -14.07
N ARG A 26 4.66 22.53 -13.14
CA ARG A 26 5.10 23.86 -13.52
CA ARG A 26 5.12 23.87 -13.46
C ARG A 26 6.60 23.86 -13.82
N ASP A 27 7.36 23.10 -13.06
CA ASP A 27 8.79 22.97 -13.33
C ASP A 27 8.97 22.34 -14.73
N PHE A 28 8.17 21.32 -15.04
CA PHE A 28 8.23 20.60 -16.36
C PHE A 28 7.88 21.63 -17.44
N GLU A 29 6.82 22.39 -17.22
CA GLU A 29 6.47 23.35 -18.24
C GLU A 29 7.52 24.47 -18.47
N LYS A 30 8.29 24.87 -17.45
CA LYS A 30 9.37 25.88 -17.60
C LYS A 30 10.54 25.31 -18.39
N GLU A 31 10.73 24.00 -18.33
CA GLU A 31 11.77 23.35 -19.16
C GLU A 31 11.34 23.05 -20.59
N ASN A 32 10.03 22.96 -20.78
CA ASN A 32 9.39 22.65 -22.07
C ASN A 32 8.31 23.71 -22.33
N PRO A 33 8.69 24.95 -22.68
CA PRO A 33 7.70 26.00 -22.90
C PRO A 33 6.51 25.76 -23.93
N LYS A 34 6.55 24.71 -24.76
N LYS A 34 6.58 24.71 -24.78
CA LYS A 34 5.44 24.40 -25.69
CA LYS A 34 5.50 24.30 -25.74
C LYS A 34 4.53 23.23 -25.25
C LYS A 34 4.58 23.11 -25.28
N ILE A 35 4.74 22.71 -24.05
CA ILE A 35 3.87 21.65 -23.52
C ILE A 35 3.18 22.13 -22.31
N LYS A 36 1.86 21.86 -22.25
N LYS A 36 1.87 21.90 -22.27
CA LYS A 36 1.05 22.14 -21.09
CA LYS A 36 1.04 22.17 -21.11
C LYS A 36 0.48 20.84 -20.59
C LYS A 36 0.53 20.85 -20.61
N VAL A 37 0.61 20.71 -19.30
CA VAL A 37 0.12 19.48 -18.64
C VAL A 37 -1.07 19.81 -17.71
N LYS A 38 -2.28 19.28 -17.94
CA LYS A 38 -3.43 19.50 -17.06
C LYS A 38 -3.48 18.36 -16.07
N VAL A 39 -3.32 18.69 -14.76
CA VAL A 39 -3.41 17.71 -13.67
C VAL A 39 -4.88 17.61 -13.27
N VAL A 40 -5.48 16.48 -13.65
CA VAL A 40 -6.89 16.22 -13.42
C VAL A 40 -7.08 15.56 -12.08
N ASN A 41 -7.93 16.09 -11.20
CA ASN A 41 -8.28 15.48 -9.95
C ASN A 41 -9.80 15.60 -9.87
N VAL A 42 -10.48 14.46 -9.89
CA VAL A 42 -11.92 14.46 -9.77
C VAL A 42 -12.38 13.56 -8.66
N PRO A 43 -13.60 13.78 -8.12
CA PRO A 43 -14.11 12.84 -7.14
C PRO A 43 -14.37 11.51 -7.75
N ASN A 44 -14.27 10.45 -6.98
CA ASN A 44 -14.57 9.15 -7.49
C ASN A 44 -13.74 8.86 -8.69
N ALA A 45 -12.46 9.16 -8.56
CA ALA A 45 -11.57 9.07 -9.72
C ALA A 45 -11.49 7.69 -10.35
N GLY A 46 -11.44 6.64 -9.56
CA GLY A 46 -11.42 5.27 -10.10
C GLY A 46 -12.58 4.95 -11.01
N GLU A 47 -13.79 5.29 -10.55
CA GLU A 47 -14.95 5.06 -11.34
C GLU A 47 -15.01 5.96 -12.59
N VAL A 48 -14.62 7.21 -12.44
CA VAL A 48 -14.53 8.14 -13.59
C VAL A 48 -13.54 7.58 -14.67
N LEU A 49 -12.41 7.06 -14.24
CA LEU A 49 -11.45 6.51 -15.18
C LEU A 49 -12.07 5.37 -15.95
N LYS A 50 -12.75 4.50 -15.22
N LYS A 50 -12.75 4.48 -15.24
CA LYS A 50 -13.42 3.33 -15.86
CA LYS A 50 -13.40 3.35 -15.95
C LYS A 50 -14.41 3.84 -16.91
C LYS A 50 -14.36 3.92 -17.00
N THR A 51 -15.16 4.89 -16.59
CA THR A 51 -16.19 5.47 -17.50
C THR A 51 -15.47 6.02 -18.75
N ARG A 52 -14.40 6.77 -18.52
CA ARG A 52 -13.64 7.41 -19.63
C ARG A 52 -13.04 6.35 -20.54
N VAL A 53 -12.40 5.36 -19.94
CA VAL A 53 -11.73 4.34 -20.81
C VAL A 53 -12.76 3.58 -21.62
N LEU A 54 -13.89 3.26 -21.00
CA LEU A 54 -14.92 2.51 -21.70
C LEU A 54 -15.47 3.33 -22.89
N ALA A 55 -15.56 4.65 -22.73
CA ALA A 55 -16.02 5.58 -23.74
C ALA A 55 -15.02 5.75 -24.85
N GLY A 56 -13.81 5.30 -24.65
CA GLY A 56 -12.80 5.47 -25.65
C GLY A 56 -12.11 6.77 -25.46
N ASP A 57 -12.23 7.38 -24.28
CA ASP A 57 -11.59 8.66 -23.95
C ASP A 57 -10.50 8.57 -22.87
N VAL A 58 -9.33 8.12 -23.23
CA VAL A 58 -8.32 7.74 -22.23
C VAL A 58 -7.39 8.96 -21.99
N PRO A 59 -7.15 9.33 -20.72
CA PRO A 59 -6.23 10.46 -20.47
C PRO A 59 -4.82 10.14 -20.97
N ASP A 60 -4.09 11.16 -21.39
CA ASP A 60 -2.76 10.91 -21.99
C ASP A 60 -1.80 10.16 -21.06
N VAL A 61 -1.76 10.61 -19.82
CA VAL A 61 -0.99 9.93 -18.81
C VAL A 61 -1.91 9.68 -17.64
N VAL A 62 -1.89 8.47 -17.12
CA VAL A 62 -2.85 8.00 -16.15
C VAL A 62 -2.17 7.43 -14.92
N ASN A 63 -2.50 7.95 -13.76
CA ASN A 63 -2.18 7.30 -12.49
C ASN A 63 -3.16 6.17 -12.29
N ILE A 64 -2.67 4.94 -12.45
CA ILE A 64 -3.45 3.69 -12.34
C ILE A 64 -2.73 2.74 -11.48
N TYR A 65 -3.43 2.11 -10.53
CA TYR A 65 -2.70 1.21 -9.59
C TYR A 65 -2.45 -0.06 -10.31
N PRO A 66 -1.15 -0.44 -10.39
CA PRO A 66 -0.82 -1.45 -11.35
C PRO A 66 -1.23 -2.85 -10.96
N GLN A 67 -1.57 -3.07 -9.69
CA GLN A 67 -2.16 -4.33 -9.25
C GLN A 67 -3.59 -4.54 -9.65
N SER A 68 -4.25 -3.50 -10.18
CA SER A 68 -5.62 -3.58 -10.44
C SER A 68 -6.00 -4.42 -11.61
N ILE A 69 -7.23 -4.96 -11.54
CA ILE A 69 -7.85 -5.73 -12.64
C ILE A 69 -7.93 -4.81 -13.84
N GLU A 70 -8.23 -3.53 -13.61
CA GLU A 70 -8.32 -2.61 -14.76
C GLU A 70 -7.02 -2.48 -15.49
N LEU A 71 -5.89 -2.35 -14.77
CA LEU A 71 -4.62 -2.29 -15.52
CA LEU A 71 -4.61 -2.29 -15.48
C LEU A 71 -4.45 -3.57 -16.33
N GLN A 72 -4.73 -4.70 -15.69
CA GLN A 72 -4.59 -5.98 -16.41
C GLN A 72 -5.41 -6.09 -17.63
N GLU A 73 -6.70 -5.81 -17.52
CA GLU A 73 -7.63 -5.98 -18.65
C GLU A 73 -7.32 -4.90 -19.71
N TRP A 74 -7.10 -3.67 -19.27
CA TRP A 74 -6.89 -2.57 -20.26
C TRP A 74 -5.57 -2.76 -21.00
N ALA A 75 -4.51 -3.10 -20.26
CA ALA A 75 -3.21 -3.45 -20.91
C ALA A 75 -3.38 -4.53 -21.94
N LYS A 76 -4.15 -5.58 -21.63
CA LYS A 76 -4.39 -6.65 -22.61
C LYS A 76 -5.13 -6.16 -23.85
N ALA A 77 -6.06 -5.25 -23.67
CA ALA A 77 -6.92 -4.72 -24.74
C ALA A 77 -6.25 -3.63 -25.55
N GLY A 78 -5.00 -3.27 -25.20
CA GLY A 78 -4.24 -2.30 -25.99
C GLY A 78 -4.48 -0.86 -25.65
N VAL A 79 -5.05 -0.62 -24.47
CA VAL A 79 -5.31 0.72 -24.05
C VAL A 79 -4.07 1.55 -23.74
N PHE A 80 -2.96 0.89 -23.35
CA PHE A 80 -1.75 1.62 -22.86
C PHE A 80 -0.54 1.34 -23.76
N GLU A 81 0.38 2.33 -23.87
CA GLU A 81 1.59 2.14 -24.64
C GLU A 81 2.51 1.17 -23.89
N ASP A 82 3.13 0.23 -24.64
CA ASP A 82 4.18 -0.68 -24.13
C ASP A 82 5.41 0.15 -23.79
N LEU A 83 5.79 0.16 -22.51
CA LEU A 83 6.92 0.98 -22.01
C LEU A 83 8.20 0.16 -21.85
N SER A 84 8.10 -1.11 -22.19
CA SER A 84 9.12 -2.10 -21.87
C SER A 84 10.52 -1.60 -22.30
N ASN A 85 10.61 -0.89 -23.40
CA ASN A 85 11.92 -0.57 -23.92
C ASN A 85 12.36 0.89 -23.71
N LYS A 86 11.52 1.62 -22.96
CA LYS A 86 11.88 3.00 -22.65
C LYS A 86 13.17 3.05 -21.86
N ASP A 87 14.08 3.97 -22.20
CA ASP A 87 15.35 4.14 -21.43
C ASP A 87 14.96 4.53 -20.01
N TYR A 88 13.92 5.33 -19.86
CA TYR A 88 13.63 5.88 -18.50
C TYR A 88 13.14 4.78 -17.55
N LEU A 89 12.67 3.65 -18.09
CA LEU A 89 12.24 2.55 -17.22
C LEU A 89 13.36 1.92 -16.51
N LYS A 90 14.56 2.02 -17.10
CA LYS A 90 15.78 1.55 -16.43
C LYS A 90 16.06 2.22 -15.07
N ARG A 91 15.37 3.32 -14.79
CA ARG A 91 15.56 4.04 -13.53
C ARG A 91 14.74 3.41 -12.40
N VAL A 92 13.88 2.45 -12.75
CA VAL A 92 13.07 1.78 -11.74
C VAL A 92 13.83 0.54 -11.24
N LYS A 93 13.86 0.38 -9.93
N LYS A 93 13.83 0.34 -9.93
CA LYS A 93 14.49 -0.73 -9.27
CA LYS A 93 14.63 -0.68 -9.25
C LYS A 93 14.33 -1.98 -10.12
C LYS A 93 14.35 -2.02 -9.88
N ASN A 94 15.42 -2.68 -10.30
CA ASN A 94 15.38 -3.90 -11.04
C ASN A 94 14.26 -4.80 -10.52
N GLY A 95 13.53 -5.26 -11.50
CA GLY A 95 12.53 -6.31 -11.30
C GLY A 95 11.18 -5.71 -10.94
N TYR A 96 11.06 -4.46 -10.45
CA TYR A 96 9.85 -4.10 -9.73
C TYR A 96 8.74 -3.78 -10.76
N ALA A 97 9.01 -3.04 -11.84
CA ALA A 97 7.96 -2.74 -12.81
C ALA A 97 7.41 -4.06 -13.38
N GLU A 98 8.29 -5.03 -13.48
CA GLU A 98 7.95 -6.34 -14.04
C GLU A 98 6.93 -7.21 -13.28
N LYS A 99 6.74 -6.89 -12.01
CA LYS A 99 5.74 -7.50 -11.22
C LYS A 99 4.33 -7.19 -11.60
N TYR A 100 4.17 -6.27 -12.54
CA TYR A 100 2.83 -5.92 -13.04
C TYR A 100 2.81 -6.04 -14.52
N ALA A 101 3.78 -6.79 -15.09
CA ALA A 101 3.83 -6.95 -16.53
C ALA A 101 2.57 -7.71 -16.97
N VAL A 102 2.14 -7.49 -18.20
CA VAL A 102 1.09 -8.22 -18.81
C VAL A 102 1.59 -8.80 -20.12
N ASN A 103 1.47 -10.11 -20.27
CA ASN A 103 2.10 -10.79 -21.42
C ASN A 103 3.56 -10.39 -21.57
N GLU A 104 4.27 -10.34 -20.47
CA GLU A 104 5.67 -9.97 -20.43
C GLU A 104 6.07 -8.60 -20.88
N LYS A 105 5.10 -7.71 -20.97
N LYS A 105 5.09 -7.73 -21.04
CA LYS A 105 5.33 -6.34 -21.34
CA LYS A 105 5.37 -6.34 -21.29
C LYS A 105 4.92 -5.40 -20.20
C LYS A 105 5.01 -5.47 -20.08
N VAL A 106 5.76 -4.41 -19.92
CA VAL A 106 5.50 -3.41 -18.87
C VAL A 106 4.78 -2.20 -19.43
N TYR A 107 3.68 -1.84 -18.75
CA TYR A 107 2.75 -0.81 -19.16
C TYR A 107 2.66 0.30 -18.12
N ASN A 108 3.45 0.27 -17.06
CA ASN A 108 3.26 1.21 -15.96
C ASN A 108 4.56 1.42 -15.25
N VAL A 109 4.85 2.68 -14.95
CA VAL A 109 6.07 3.05 -14.19
C VAL A 109 5.65 3.23 -12.69
N PRO A 110 6.13 2.37 -11.81
N PRO A 110 5.97 2.27 -11.82
CA PRO A 110 5.84 2.56 -10.42
CA PRO A 110 5.70 2.49 -10.40
C PRO A 110 6.87 3.39 -9.75
C PRO A 110 6.72 3.32 -9.61
N PHE A 111 6.56 4.66 -9.59
CA PHE A 111 7.46 5.56 -8.93
C PHE A 111 7.61 5.32 -7.46
N THR A 112 6.46 5.12 -6.84
CA THR A 112 6.39 4.82 -5.42
C THR A 112 5.49 3.61 -5.19
N ALA A 113 5.60 2.98 -4.00
CA ALA A 113 4.73 1.87 -3.59
C ALA A 113 4.39 2.07 -2.13
N ASN A 114 3.25 1.58 -1.74
CA ASN A 114 2.93 1.48 -0.34
C ASN A 114 3.49 0.21 0.25
N ALA A 115 3.47 0.18 1.60
CA ALA A 115 3.84 -0.94 2.43
C ALA A 115 2.91 -1.00 3.61
N TYR A 116 3.03 -2.04 4.40
CA TYR A 116 2.11 -2.28 5.55
C TYR A 116 2.89 -2.83 6.71
N GLY A 117 2.57 -2.43 7.92
CA GLY A 117 3.16 -3.04 9.08
C GLY A 117 2.53 -2.43 10.35
N ILE A 118 3.29 -2.38 11.41
CA ILE A 118 2.83 -1.92 12.71
C ILE A 118 3.53 -0.63 13.07
N TYR A 119 2.72 0.42 13.23
CA TYR A 119 3.22 1.64 13.81
C TYR A 119 3.37 1.42 15.35
N TYR A 120 4.44 2.00 15.93
CA TYR A 120 4.60 1.92 17.36
C TYR A 120 5.23 3.19 17.91
N ASN A 121 5.02 3.37 19.21
CA ASN A 121 5.52 4.49 19.96
C ASN A 121 6.89 4.17 20.53
N LYS A 122 7.94 4.68 19.89
CA LYS A 122 9.30 4.39 20.34
C LYS A 122 9.53 4.81 21.78
N ASP A 123 8.95 5.95 22.16
CA ASP A 123 9.24 6.50 23.51
C ASP A 123 8.71 5.56 24.58
N LYS A 124 7.48 5.08 24.39
CA LYS A 124 6.90 4.22 25.39
CA LYS A 124 6.84 4.22 25.34
C LYS A 124 7.52 2.84 25.37
N PHE A 125 7.93 2.34 24.18
CA PHE A 125 8.60 1.07 24.18
C PHE A 125 9.88 1.23 25.01
N GLU A 126 10.57 2.36 24.86
CA GLU A 126 11.84 2.56 25.58
CA GLU A 126 11.85 2.54 25.59
C GLU A 126 11.60 2.67 27.08
N GLU A 127 10.58 3.45 27.44
CA GLU A 127 10.22 3.66 28.85
C GLU A 127 9.85 2.34 29.53
N LEU A 128 9.18 1.45 28.79
CA LEU A 128 8.64 0.18 29.30
C LEU A 128 9.56 -1.00 29.12
N GLY A 129 10.70 -0.79 28.44
CA GLY A 129 11.66 -1.83 28.27
C GLY A 129 11.25 -2.88 27.25
N LEU A 130 10.47 -2.44 26.27
CA LEU A 130 9.94 -3.28 25.24
C LEU A 130 10.73 -3.18 23.91
N LYS A 131 10.75 -4.29 23.20
CA LYS A 131 11.43 -4.43 21.91
C LYS A 131 10.51 -4.88 20.80
N VAL A 132 10.89 -4.48 19.58
CA VAL A 132 10.22 -4.94 18.40
C VAL A 132 10.25 -6.47 18.39
N PRO A 133 9.11 -7.10 18.10
CA PRO A 133 9.05 -8.54 18.11
C PRO A 133 9.56 -9.11 16.78
N GLU A 134 10.24 -10.25 16.87
CA GLU A 134 10.84 -10.90 15.72
C GLU A 134 10.26 -12.26 15.37
N THR A 135 9.26 -12.73 16.13
CA THR A 135 8.51 -13.94 15.84
C THR A 135 7.05 -13.70 16.25
N TRP A 136 6.15 -14.52 15.73
CA TRP A 136 4.75 -14.53 16.22
C TRP A 136 4.68 -14.61 17.71
N ASP A 137 5.41 -15.55 18.31
CA ASP A 137 5.36 -15.73 19.76
C ASP A 137 5.80 -14.43 20.49
N GLU A 138 6.84 -13.72 20.02
CA GLU A 138 7.29 -12.51 20.69
C GLU A 138 6.25 -11.42 20.54
N PHE A 139 5.54 -11.45 19.41
CA PHE A 139 4.53 -10.37 19.18
C PHE A 139 3.36 -10.65 20.18
N GLU A 140 2.92 -11.90 20.36
N GLU A 140 2.91 -11.90 20.28
CA GLU A 140 1.90 -12.23 21.40
CA GLU A 140 1.90 -12.31 21.28
C GLU A 140 2.41 -11.67 22.71
C GLU A 140 2.35 -11.88 22.71
N GLN A 141 3.64 -12.03 23.05
CA GLN A 141 4.14 -11.69 24.38
C GLN A 141 4.25 -10.21 24.61
N LEU A 142 4.59 -9.49 23.57
CA LEU A 142 4.64 -8.06 23.58
C LEU A 142 3.29 -7.43 23.95
N VAL A 143 2.25 -7.92 23.30
CA VAL A 143 0.93 -7.44 23.55
C VAL A 143 0.52 -7.73 24.97
N LYS A 144 0.76 -8.94 25.45
CA LYS A 144 0.44 -9.28 26.84
C LYS A 144 1.20 -8.39 27.81
N ASP A 145 2.48 -8.16 27.51
CA ASP A 145 3.36 -7.37 28.40
C ASP A 145 2.82 -5.92 28.52
N ILE A 146 2.38 -5.39 27.40
CA ILE A 146 1.84 -4.02 27.40
C ILE A 146 0.58 -3.93 28.29
N VAL A 147 -0.32 -4.91 28.11
CA VAL A 147 -1.53 -4.97 28.93
C VAL A 147 -1.19 -5.05 30.42
N ALA A 148 -0.23 -5.93 30.75
CA ALA A 148 0.22 -6.10 32.11
C ALA A 148 0.82 -4.82 32.77
N LYS A 149 1.38 -3.96 31.92
N LYS A 149 1.36 -3.95 31.92
CA LYS A 149 1.94 -2.70 32.36
CA LYS A 149 1.93 -2.68 32.31
C LYS A 149 0.95 -1.54 32.25
C LYS A 149 0.90 -1.56 32.43
N GLY A 150 -0.34 -1.86 32.07
CA GLY A 150 -1.44 -0.88 32.18
C GLY A 150 -1.69 0.05 31.04
N GLN A 151 -1.14 -0.33 29.87
CA GLN A 151 -1.36 0.42 28.69
C GLN A 151 -2.14 -0.42 27.68
N THR A 152 -2.57 0.24 26.61
CA THR A 152 -3.37 -0.42 25.59
C THR A 152 -2.53 -0.70 24.35
N PRO A 153 -2.34 -1.99 23.99
CA PRO A 153 -1.43 -2.28 22.83
C PRO A 153 -1.89 -1.67 21.51
N PHE A 154 -3.14 -1.82 21.10
CA PHE A 154 -3.52 -1.48 19.75
C PHE A 154 -4.72 -0.51 19.69
N GLY A 155 -4.67 0.35 18.66
CA GLY A 155 -5.87 0.96 18.11
C GLY A 155 -6.31 0.18 16.92
N ILE A 156 -7.52 -0.39 17.01
CA ILE A 156 -8.13 -1.13 15.96
C ILE A 156 -9.40 -0.41 15.50
N ALA A 157 -9.54 -0.19 14.19
CA ALA A 157 -10.67 0.54 13.63
C ALA A 157 -11.72 -0.51 13.29
N GLY A 158 -12.50 -0.95 14.28
CA GLY A 158 -13.44 -1.96 14.03
C GLY A 158 -14.49 -1.64 12.97
N ALA A 159 -14.76 -0.36 12.79
CA ALA A 159 -15.73 0.06 11.80
C ALA A 159 -15.13 0.21 10.40
N ASP A 160 -13.78 0.08 10.26
CA ASP A 160 -13.12 0.18 8.97
C ASP A 160 -12.30 -1.09 8.79
N ALA A 161 -12.97 -2.13 8.33
CA ALA A 161 -12.33 -3.47 8.18
C ALA A 161 -11.09 -3.48 7.28
N TRP A 162 -11.16 -2.60 6.27
CA TRP A 162 -10.05 -2.50 5.29
C TRP A 162 -8.73 -2.32 5.98
N THR A 163 -8.68 -1.66 7.13
CA THR A 163 -7.43 -1.37 7.80
C THR A 163 -6.62 -2.66 8.17
N LEU A 164 -7.31 -3.79 8.26
CA LEU A 164 -6.71 -5.09 8.58
C LEU A 164 -6.46 -5.97 7.37
N ASN A 165 -6.73 -5.49 6.17
CA ASN A 165 -6.40 -6.24 4.93
C ASN A 165 -4.95 -6.67 4.96
N GLY A 166 -4.05 -5.72 5.15
CA GLY A 166 -2.62 -6.06 5.13
C GLY A 166 -2.27 -7.03 6.23
N TYR A 167 -2.85 -6.86 7.40
CA TYR A 167 -2.52 -7.70 8.53
C TYR A 167 -2.82 -9.18 8.27
N ASN A 168 -4.03 -9.49 7.75
CA ASN A 168 -4.41 -10.84 7.49
C ASN A 168 -3.67 -11.48 6.23
N GLN A 169 -3.40 -10.58 5.26
CA GLN A 169 -2.65 -11.08 4.08
C GLN A 169 -1.28 -11.48 4.58
N LEU A 170 -0.68 -10.73 5.48
CA LEU A 170 0.66 -11.05 5.98
C LEU A 170 0.63 -12.23 6.94
N ALA A 171 -0.44 -12.42 7.68
CA ALA A 171 -0.62 -13.60 8.43
C ALA A 171 -0.57 -14.86 7.51
N PHE A 172 -1.29 -14.86 6.41
CA PHE A 172 -1.21 -15.95 5.48
C PHE A 172 0.14 -16.05 4.82
N ALA A 173 0.72 -14.91 4.46
CA ALA A 173 2.03 -14.85 3.71
C ALA A 173 3.09 -15.47 4.61
N THR A 174 3.19 -15.04 5.83
CA THR A 174 4.16 -15.57 6.75
C THR A 174 3.89 -17.00 7.08
N ALA A 175 2.62 -17.46 7.18
CA ALA A 175 2.29 -18.86 7.49
C ALA A 175 2.72 -19.82 6.34
N THR A 176 2.67 -19.26 5.11
CA THR A 176 2.81 -20.13 3.93
C THR A 176 4.18 -19.98 3.26
N GLY A 177 4.94 -18.93 3.56
CA GLY A 177 6.28 -18.69 2.97
C GLY A 177 6.38 -17.61 1.98
N GLY A 178 5.31 -16.89 1.63
CA GLY A 178 5.36 -15.87 0.67
C GLY A 178 4.01 -15.52 0.05
N GLY A 179 4.01 -14.57 -0.91
CA GLY A 179 2.77 -14.15 -1.50
C GLY A 179 2.17 -15.17 -2.46
N LYS A 180 3.06 -15.70 -3.31
CA LYS A 180 2.53 -16.73 -4.23
CA LYS A 180 2.63 -16.77 -4.23
C LYS A 180 2.02 -17.99 -3.49
N GLU A 181 2.72 -18.35 -2.37
CA GLU A 181 2.32 -19.44 -1.54
C GLU A 181 1.00 -19.16 -0.81
N ALA A 182 0.80 -17.90 -0.40
CA ALA A 182 -0.43 -17.57 0.27
C ALA A 182 -1.60 -17.64 -0.73
N ASN A 183 -1.39 -17.12 -1.92
CA ASN A 183 -2.41 -17.22 -2.92
C ASN A 183 -2.60 -18.64 -3.40
N GLN A 184 -1.56 -19.45 -3.35
CA GLN A 184 -1.79 -20.88 -3.63
C GLN A 184 -2.82 -21.53 -2.68
N TYR A 185 -2.61 -21.26 -1.38
CA TYR A 185 -3.47 -21.80 -0.39
C TYR A 185 -4.85 -21.25 -0.48
N LEU A 186 -5.02 -19.95 -0.74
CA LEU A 186 -6.35 -19.35 -0.65
C LEU A 186 -7.09 -19.42 -2.00
N ARG A 187 -6.42 -18.91 -3.04
CA ARG A 187 -7.02 -18.56 -4.32
C ARG A 187 -6.95 -19.67 -5.38
N TYR A 188 -5.80 -20.32 -5.44
CA TYR A 188 -5.58 -21.29 -6.54
C TYR A 188 -5.70 -22.77 -6.08
N SER A 189 -6.07 -23.04 -4.80
CA SER A 189 -6.48 -24.28 -4.30
C SER A 189 -7.80 -24.64 -4.87
N GLN A 190 -8.18 -25.87 -4.60
CA GLN A 190 -9.47 -26.40 -5.00
C GLN A 190 -10.66 -25.78 -4.24
N PRO A 191 -11.81 -25.80 -4.88
CA PRO A 191 -12.95 -25.33 -4.13
C PRO A 191 -13.05 -26.02 -2.77
N ASN A 192 -13.45 -25.24 -1.73
CA ASN A 192 -13.60 -25.79 -0.35
C ASN A 192 -12.35 -26.39 0.26
N ALA A 193 -11.18 -26.11 -0.32
CA ALA A 193 -9.97 -26.73 0.17
C ALA A 193 -9.52 -26.20 1.52
N ILE A 194 -9.95 -25.00 1.86
CA ILE A 194 -9.55 -24.44 3.15
C ILE A 194 -10.28 -25.06 4.30
N LYS A 195 -9.57 -25.65 5.23
CA LYS A 195 -10.16 -26.38 6.36
C LYS A 195 -9.57 -25.91 7.68
N LEU A 196 -10.38 -25.87 8.69
CA LEU A 196 -10.00 -25.48 10.01
C LEU A 196 -8.78 -26.27 10.53
N SER A 197 -8.70 -27.57 10.19
CA SER A 197 -7.67 -28.48 10.67
C SER A 197 -6.33 -28.25 9.92
N ASP A 198 -6.36 -27.49 8.83
CA ASP A 198 -5.10 -27.23 8.11
C ASP A 198 -4.05 -26.53 8.97
N PRO A 199 -2.82 -27.02 9.01
CA PRO A 199 -1.78 -26.28 9.71
C PRO A 199 -1.64 -24.80 9.35
N ILE A 200 -1.81 -24.45 8.06
CA ILE A 200 -1.81 -23.10 7.60
CA ILE A 200 -1.76 -23.06 7.64
C ILE A 200 -2.91 -22.27 8.30
N MET A 201 -4.09 -22.84 8.32
CA MET A 201 -5.21 -22.17 8.97
C MET A 201 -5.00 -22.00 10.41
N LYS A 202 -4.47 -22.98 11.09
CA LYS A 202 -4.08 -22.81 12.48
C LYS A 202 -3.12 -21.69 12.75
N ASP A 203 -2.10 -21.56 11.89
CA ASP A 203 -1.11 -20.48 12.00
C ASP A 203 -1.80 -19.11 11.74
N ASP A 204 -2.65 -19.05 10.70
CA ASP A 204 -3.34 -17.81 10.44
C ASP A 204 -4.13 -17.40 11.63
N ILE A 205 -4.84 -18.35 12.21
CA ILE A 205 -5.68 -18.12 13.43
C ILE A 205 -4.80 -17.62 14.57
N LYS A 206 -3.63 -18.23 14.76
CA LYS A 206 -2.65 -17.74 15.75
C LYS A 206 -2.33 -16.27 15.55
N VAL A 207 -1.94 -15.90 14.33
CA VAL A 207 -1.56 -14.50 14.08
C VAL A 207 -2.77 -13.57 14.33
N MET A 208 -3.95 -13.96 13.83
CA MET A 208 -5.14 -13.13 14.02
C MET A 208 -5.45 -13.01 15.50
N ASP A 209 -5.21 -14.05 16.27
CA ASP A 209 -5.54 -14.06 17.71
C ASP A 209 -4.63 -13.08 18.50
N ILE A 210 -3.55 -12.61 17.92
CA ILE A 210 -2.81 -11.58 18.59
C ILE A 210 -3.71 -10.34 18.83
N LEU A 211 -4.62 -10.09 17.88
CA LEU A 211 -5.48 -8.94 17.95
C LEU A 211 -6.68 -9.23 18.88
N ARG A 212 -6.80 -10.40 19.43
CA ARG A 212 -7.89 -10.80 20.29
C ARG A 212 -7.47 -10.99 21.76
N ILE A 213 -6.19 -10.75 22.06
CA ILE A 213 -5.69 -10.90 23.42
C ILE A 213 -6.47 -9.97 24.36
N ASN A 214 -6.79 -10.51 25.55
CA ASN A 214 -7.61 -9.73 26.45
C ASN A 214 -6.90 -8.41 26.76
N GLY A 215 -7.66 -7.33 26.66
CA GLY A 215 -7.14 -5.97 26.89
C GLY A 215 -6.27 -5.34 25.79
N SER A 216 -6.24 -6.02 24.63
CA SER A 216 -5.35 -5.58 23.58
C SER A 216 -5.79 -4.37 22.78
N LYS A 217 -7.09 -4.10 22.80
CA LYS A 217 -7.66 -2.98 21.99
C LYS A 217 -8.30 -1.86 22.83
N GLN A 218 -8.40 -0.69 22.23
CA GLN A 218 -9.04 0.45 22.90
C GLN A 218 -10.53 0.23 23.12
N LYS A 219 -11.08 0.92 24.11
CA LYS A 219 -12.52 0.77 24.40
CA LYS A 219 -12.51 0.78 24.41
CA LYS A 219 -12.51 0.80 24.42
C LYS A 219 -13.31 1.31 23.22
N ASN A 220 -14.37 0.56 22.89
CA ASN A 220 -15.29 0.81 21.80
C ASN A 220 -14.60 0.68 20.46
N TRP A 221 -13.52 -0.11 20.39
CA TRP A 221 -12.84 -0.33 19.09
C TRP A 221 -13.85 -0.80 18.01
N GLU A 222 -14.89 -1.50 18.44
N GLU A 222 -14.91 -1.50 18.43
CA GLU A 222 -15.89 -2.07 17.50
CA GLU A 222 -15.90 -2.09 17.47
C GLU A 222 -16.42 -0.97 16.60
C GLU A 222 -16.53 -1.01 16.62
N GLY A 223 -16.62 0.21 17.20
CA GLY A 223 -17.15 1.36 16.49
C GLY A 223 -16.22 2.38 15.91
N ALA A 224 -14.90 2.15 16.06
CA ALA A 224 -13.92 3.07 15.74
C ALA A 224 -13.58 3.05 14.27
N GLY A 225 -13.38 4.24 13.71
CA GLY A 225 -12.93 4.36 12.34
C GLY A 225 -11.42 4.60 12.25
N TYR A 226 -10.95 4.57 11.01
CA TYR A 226 -9.55 4.86 10.69
C TYR A 226 -9.06 6.13 11.40
N THR A 227 -9.81 7.26 11.22
CA THR A 227 -9.39 8.56 11.82
CA THR A 227 -9.35 8.52 11.80
C THR A 227 -9.29 8.47 13.33
N ASP A 228 -10.19 7.70 13.96
CA ASP A 228 -10.18 7.54 15.39
C ASP A 228 -8.89 6.87 15.89
N VAL A 229 -8.47 5.86 15.14
CA VAL A 229 -7.27 5.11 15.52
CA VAL A 229 -7.26 5.12 15.56
C VAL A 229 -5.98 5.89 15.25
N ILE A 230 -5.95 6.67 14.18
N ILE A 230 -5.95 6.67 14.19
CA ILE A 230 -4.86 7.60 13.92
CA ILE A 230 -4.84 7.59 13.96
C ILE A 230 -4.71 8.62 15.06
C ILE A 230 -4.71 8.55 15.14
N GLY A 231 -5.85 9.10 15.58
CA GLY A 231 -5.82 10.01 16.65
C GLY A 231 -5.40 9.38 17.96
N ALA A 232 -5.90 8.19 18.23
CA ALA A 232 -5.53 7.46 19.47
C ALA A 232 -4.06 7.16 19.53
N PHE A 233 -3.53 6.74 18.38
CA PHE A 233 -2.12 6.47 18.31
C PHE A 233 -1.32 7.75 18.51
N ALA A 234 -1.64 8.81 17.76
CA ALA A 234 -0.90 10.10 17.89
C ALA A 234 -0.93 10.63 19.32
N ARG A 235 -2.04 10.47 20.05
CA ARG A 235 -2.18 10.97 21.45
C ARG A 235 -1.44 10.12 22.44
N GLY A 236 -0.95 8.92 22.02
CA GLY A 236 -0.36 8.01 22.97
C GLY A 236 -1.35 7.18 23.77
N ASP A 237 -2.58 7.14 23.29
CA ASP A 237 -3.62 6.39 24.00
C ASP A 237 -3.46 4.86 23.75
N VAL A 238 -2.92 4.54 22.58
CA VAL A 238 -2.57 3.15 22.21
C VAL A 238 -1.14 3.17 21.80
N LEU A 239 -0.41 2.04 21.98
CA LEU A 239 1.02 1.99 21.69
CA LEU A 239 1.01 2.03 21.68
C LEU A 239 1.35 1.61 20.26
N MET A 240 0.42 1.00 19.56
CA MET A 240 0.65 0.50 18.18
C MET A 240 -0.68 0.60 17.39
N THR A 241 -0.55 0.61 16.07
CA THR A 241 -1.69 0.35 15.23
C THR A 241 -1.21 -0.24 13.92
N PRO A 242 -1.91 -1.29 13.44
CA PRO A 242 -1.53 -1.90 12.15
C PRO A 242 -2.10 -1.12 10.99
N ASN A 243 -1.24 -0.71 10.07
CA ASN A 243 -1.70 0.08 8.95
C ASN A 243 -0.68 0.24 7.92
N GLY A 244 -1.04 0.89 6.83
CA GLY A 244 -0.11 1.11 5.76
C GLY A 244 0.74 2.37 5.84
N SER A 245 1.75 2.46 4.94
CA SER A 245 2.59 3.62 4.81
C SER A 245 1.88 4.93 4.47
N TRP A 246 0.61 4.75 4.05
CA TRP A 246 -0.21 5.91 3.70
C TRP A 246 -0.64 6.72 4.90
N ALA A 247 -0.55 6.16 6.09
CA ALA A 247 -1.09 6.81 7.31
C ALA A 247 -0.17 7.87 7.88
N ILE A 248 1.10 7.88 7.50
CA ILE A 248 2.08 8.70 8.21
C ILE A 248 1.74 10.15 8.23
N THR A 249 1.31 10.72 7.10
CA THR A 249 1.05 12.18 7.03
C THR A 249 -0.06 12.51 8.03
N ALA A 250 -1.14 11.72 8.05
CA ALA A 250 -2.23 12.00 8.99
C ALA A 250 -1.75 11.88 10.43
N ILE A 251 -0.94 10.86 10.74
CA ILE A 251 -0.37 10.71 12.09
C ILE A 251 0.43 11.97 12.43
N ASN A 252 1.31 12.37 11.53
CA ASN A 252 2.12 13.54 11.86
C ASN A 252 1.34 14.83 12.03
N GLU A 253 0.27 14.96 11.27
CA GLU A 253 -0.61 16.11 11.37
C GLU A 253 -1.33 16.22 12.69
N GLN A 254 -1.43 15.11 13.41
CA GLN A 254 -1.98 15.12 14.78
C GLN A 254 -0.94 15.56 15.85
N LYS A 255 0.28 15.82 15.42
CA LYS A 255 1.32 16.35 16.29
C LYS A 255 1.63 15.48 17.51
N PRO A 256 2.02 14.22 17.26
CA PRO A 256 2.36 13.33 18.38
C PRO A 256 3.52 13.89 19.21
N ASN A 257 3.50 13.60 20.49
CA ASN A 257 4.52 14.02 21.44
CA ASN A 257 4.58 14.04 21.33
C ASN A 257 5.54 12.91 21.65
N PHE A 258 5.83 12.13 20.62
CA PHE A 258 6.74 10.98 20.74
C PHE A 258 7.28 10.67 19.37
N LYS A 259 8.38 9.93 19.32
N LYS A 259 8.33 9.88 19.34
CA LYS A 259 8.92 9.50 18.02
CA LYS A 259 9.08 9.33 17.98
CA LYS A 259 8.91 9.44 18.06
C LYS A 259 8.28 8.20 17.56
C LYS A 259 8.27 8.18 17.56
N ILE A 260 7.84 8.23 16.29
CA ILE A 260 7.09 7.14 15.69
C ILE A 260 8.08 6.20 15.06
N GLY A 261 7.84 4.93 15.30
CA GLY A 261 8.52 3.90 14.50
C GLY A 261 7.55 2.94 13.83
N THR A 262 8.12 2.06 12.99
CA THR A 262 7.34 1.02 12.44
C THR A 262 8.08 -0.31 12.53
N PHE A 263 7.37 -1.42 12.52
CA PHE A 263 7.99 -2.72 12.36
C PHE A 263 7.22 -3.59 11.45
N MET A 264 7.94 -4.49 10.79
CA MET A 264 7.28 -5.51 9.96
C MET A 264 6.65 -6.58 10.80
N ILE A 265 5.47 -7.08 10.34
CA ILE A 265 4.89 -8.19 11.00
C ILE A 265 5.83 -9.42 10.90
N PRO A 266 6.17 -10.04 12.04
CA PRO A 266 7.11 -11.14 11.98
C PRO A 266 6.49 -12.40 11.47
N GLY A 267 7.36 -13.31 11.08
CA GLY A 267 7.01 -14.68 10.87
C GLY A 267 7.13 -15.55 12.07
N LYS A 268 7.04 -16.88 11.84
CA LYS A 268 7.04 -17.82 12.92
C LYS A 268 8.41 -17.83 13.62
N GLU A 269 9.44 -17.76 12.80
CA GLU A 269 10.86 -17.70 13.25
C GLU A 269 11.47 -16.35 12.93
N LYS A 270 12.62 -16.04 13.52
CA LYS A 270 13.32 -14.81 13.24
C LYS A 270 13.73 -14.77 11.78
N GLY A 271 13.74 -13.57 11.26
CA GLY A 271 14.20 -13.31 9.89
C GLY A 271 13.21 -13.70 8.82
N GLN A 272 11.93 -13.80 9.19
CA GLN A 272 10.90 -14.28 8.27
C GLN A 272 9.79 -13.21 8.12
N SER A 273 10.05 -11.97 8.55
CA SER A 273 9.05 -10.94 8.39
C SER A 273 8.85 -10.57 6.97
N LEU A 274 7.67 -10.03 6.66
CA LEU A 274 7.28 -9.66 5.33
C LEU A 274 6.50 -8.35 5.38
N THR A 275 6.42 -7.66 4.27
CA THR A 275 5.43 -6.60 4.10
C THR A 275 4.75 -6.78 2.76
N VAL A 276 3.73 -5.97 2.52
CA VAL A 276 2.85 -6.11 1.37
C VAL A 276 2.48 -4.70 0.94
N GLY A 277 2.37 -4.48 -0.36
CA GLY A 277 1.97 -3.18 -0.90
C GLY A 277 2.01 -3.23 -2.42
N ALA A 278 1.79 -2.14 -3.10
CA ALA A 278 1.87 -2.05 -4.54
C ALA A 278 2.06 -0.61 -4.99
N GLY A 279 2.29 -0.44 -6.29
CA GLY A 279 2.50 0.88 -6.85
C GLY A 279 1.43 1.87 -6.45
N ASP A 280 1.86 3.10 -6.09
CA ASP A 280 0.93 4.12 -5.64
C ASP A 280 1.00 5.28 -6.66
N LEU A 281 2.10 6.06 -6.67
CA LEU A 281 2.36 7.02 -7.78
C LEU A 281 2.90 6.12 -8.86
N ALA A 282 2.06 5.84 -9.84
CA ALA A 282 2.28 4.80 -10.80
C ALA A 282 1.58 5.20 -12.07
N TRP A 283 2.31 5.39 -13.15
CA TRP A 283 1.74 5.98 -14.34
C TRP A 283 1.82 5.06 -15.58
N SER A 284 0.76 5.14 -16.39
CA SER A 284 0.69 4.60 -17.67
C SER A 284 0.38 5.62 -18.74
N ILE A 285 0.66 5.35 -19.99
CA ILE A 285 0.46 6.28 -21.05
C ILE A 285 -0.58 5.73 -22.03
N SER A 286 -1.55 6.55 -22.41
CA SER A 286 -2.49 6.05 -23.41
C SER A 286 -1.86 5.63 -24.72
N ALA A 287 -2.28 4.51 -25.27
CA ALA A 287 -1.77 4.02 -26.58
C ALA A 287 -2.34 4.86 -27.76
N THR A 288 -3.37 5.62 -27.47
CA THR A 288 -4.10 6.39 -28.46
C THR A 288 -3.93 7.88 -28.18
N THR A 289 -2.98 8.25 -27.36
CA THR A 289 -2.67 9.63 -27.17
C THR A 289 -2.33 10.32 -28.50
N LYS A 290 -2.84 11.52 -28.71
CA LYS A 290 -2.48 12.33 -29.90
CA LYS A 290 -2.48 12.32 -29.89
C LYS A 290 -1.06 12.91 -29.79
N HIS A 291 -0.46 12.80 -28.59
CA HIS A 291 0.83 13.47 -28.35
C HIS A 291 1.82 12.59 -27.54
N PRO A 292 2.23 11.48 -28.17
CA PRO A 292 3.00 10.54 -27.44
C PRO A 292 4.36 11.09 -27.02
N LYS A 293 5.02 11.92 -27.83
CA LYS A 293 6.36 12.39 -27.44
CA LYS A 293 6.34 12.50 -27.49
CA LYS A 293 6.36 12.41 -27.47
C LYS A 293 6.26 13.24 -26.18
N GLU A 294 5.22 14.04 -26.08
CA GLU A 294 5.09 14.93 -24.94
C GLU A 294 4.66 14.11 -23.70
N ALA A 295 3.80 13.12 -23.91
CA ALA A 295 3.33 12.28 -22.80
C ALA A 295 4.56 11.56 -22.22
N ASN A 296 5.40 11.04 -23.12
CA ASN A 296 6.61 10.32 -22.64
C ASN A 296 7.59 11.26 -21.96
N ALA A 297 7.68 12.50 -22.44
CA ALA A 297 8.56 13.48 -21.83
C ALA A 297 8.12 13.78 -20.40
N PHE A 298 6.81 13.80 -20.19
CA PHE A 298 6.32 14.03 -18.82
C PHE A 298 6.66 12.89 -17.87
N VAL A 299 6.49 11.66 -18.35
CA VAL A 299 6.78 10.51 -17.53
C VAL A 299 8.29 10.47 -17.29
N GLU A 300 9.08 10.73 -18.33
CA GLU A 300 10.53 10.72 -18.17
C GLU A 300 10.96 11.73 -17.10
N TYR A 301 10.37 12.91 -17.12
CA TYR A 301 10.73 13.95 -16.18
C TYR A 301 10.57 13.46 -14.77
N MET A 302 9.44 12.81 -14.45
CA MET A 302 9.20 12.35 -13.11
C MET A 302 10.16 11.25 -12.64
N THR A 303 10.81 10.55 -13.60
CA THR A 303 11.80 9.53 -13.27
C THR A 303 13.16 10.15 -12.90
N ARG A 304 13.32 11.45 -13.10
CA ARG A 304 14.65 12.05 -12.81
C ARG A 304 14.83 12.16 -11.29
N PRO A 305 16.03 11.92 -10.78
CA PRO A 305 16.23 11.89 -9.37
C PRO A 305 15.78 13.17 -8.68
N GLU A 306 16.06 14.31 -9.28
CA GLU A 306 15.88 15.59 -8.60
C GLU A 306 14.37 15.94 -8.60
N VAL A 307 13.62 15.28 -9.48
CA VAL A 307 12.18 15.55 -9.60
C VAL A 307 11.44 14.61 -8.67
N MET A 308 11.75 13.30 -8.73
CA MET A 308 11.15 12.40 -7.79
C MET A 308 11.49 12.76 -6.31
N GLN A 309 12.67 13.39 -6.08
CA GLN A 309 13.06 13.74 -4.73
C GLN A 309 12.07 14.75 -4.19
N LYS A 310 11.55 15.62 -5.07
CA LYS A 310 10.57 16.64 -4.61
CA LYS A 310 10.59 16.63 -4.61
C LYS A 310 9.32 15.97 -4.09
N TYR A 311 8.87 14.97 -4.80
CA TYR A 311 7.69 14.24 -4.37
C TYR A 311 7.96 13.43 -3.12
N TYR A 312 9.05 12.67 -3.12
CA TYR A 312 9.36 11.79 -2.01
C TYR A 312 9.49 12.57 -0.72
N ASP A 313 10.21 13.68 -0.74
CA ASP A 313 10.46 14.44 0.52
C ASP A 313 9.14 14.78 1.24
N VAL A 314 8.08 15.04 0.47
CA VAL A 314 6.74 15.33 1.04
C VAL A 314 5.89 14.13 1.38
N ASP A 315 5.87 13.14 0.47
CA ASP A 315 5.00 11.98 0.60
C ASP A 315 5.58 10.89 1.45
N GLY A 316 6.86 10.59 1.29
CA GLY A 316 7.53 9.65 2.14
C GLY A 316 7.36 8.18 1.81
N SER A 317 6.44 7.87 0.92
CA SER A 317 6.30 6.50 0.48
C SER A 317 7.61 6.04 -0.18
N PRO A 318 8.00 4.75 0.00
CA PRO A 318 9.22 4.32 -0.62
C PRO A 318 9.14 4.47 -2.12
N THR A 319 10.29 4.82 -2.71
CA THR A 319 10.39 5.02 -4.16
C THR A 319 11.33 4.00 -4.77
N ALA A 320 10.89 3.49 -5.93
CA ALA A 320 11.64 2.56 -6.76
C ALA A 320 12.59 3.32 -7.70
N ILE A 321 12.66 4.65 -7.65
CA ILE A 321 13.46 5.42 -8.63
C ILE A 321 14.90 5.60 -8.13
N GLU A 322 15.84 5.29 -9.03
CA GLU A 322 17.30 5.41 -8.80
C GLU A 322 17.69 6.79 -8.40
N GLY A 323 18.63 6.96 -7.48
CA GLY A 323 19.21 8.27 -7.29
C GLY A 323 18.54 9.16 -6.28
N VAL A 324 17.38 8.71 -5.77
CA VAL A 324 16.62 9.48 -4.75
C VAL A 324 17.23 9.17 -3.40
N LYS A 325 17.46 10.22 -2.61
N LYS A 325 17.50 10.20 -2.61
CA LYS A 325 17.95 10.08 -1.27
CA LYS A 325 17.99 9.97 -1.26
C LYS A 325 16.77 9.73 -0.35
C LYS A 325 16.78 9.71 -0.37
N GLN A 326 16.68 8.50 0.10
CA GLN A 326 15.57 8.17 1.00
C GLN A 326 15.96 8.44 2.45
N ALA A 327 14.95 8.41 3.28
CA ALA A 327 15.00 8.88 4.62
C ALA A 327 15.84 7.86 5.37
N GLY A 328 16.43 8.33 6.45
CA GLY A 328 17.25 7.50 7.23
C GLY A 328 16.57 6.52 8.16
N GLU A 329 17.37 5.76 8.93
CA GLU A 329 16.91 4.72 9.78
C GLU A 329 16.05 5.17 10.93
N ASP A 330 16.08 6.46 11.22
CA ASP A 330 15.31 6.96 12.34
C ASP A 330 13.95 7.51 11.87
N SER A 331 13.72 7.56 10.57
CA SER A 331 12.47 8.02 10.02
C SER A 331 11.30 7.04 10.42
N PRO A 332 10.09 7.57 10.54
CA PRO A 332 9.00 6.72 11.03
C PRO A 332 8.72 5.43 10.25
N LEU A 333 8.89 5.53 8.90
CA LEU A 333 8.65 4.35 8.04
C LEU A 333 9.83 3.43 7.84
N ALA A 334 10.91 3.64 8.56
CA ALA A 334 12.13 2.85 8.30
C ALA A 334 11.84 1.38 8.48
N GLY A 335 11.24 0.97 9.58
CA GLY A 335 11.08 -0.47 9.80
C GLY A 335 10.17 -1.07 8.76
N MET A 336 9.07 -0.41 8.49
CA MET A 336 8.15 -0.90 7.52
C MET A 336 8.70 -1.05 6.15
N THR A 337 9.65 -0.22 5.79
CA THR A 337 10.15 -0.09 4.41
C THR A 337 11.59 -0.52 4.24
N GLU A 338 12.11 -1.21 5.27
CA GLU A 338 13.53 -1.69 5.20
C GLU A 338 13.77 -2.56 4.01
N TYR A 339 12.75 -3.37 3.69
CA TYR A 339 12.83 -4.34 2.60
C TYR A 339 11.96 -4.01 1.42
N ALA A 340 11.62 -2.74 1.27
CA ALA A 340 10.83 -2.30 0.12
C ALA A 340 11.54 -2.72 -1.18
N PHE A 341 10.75 -3.17 -2.13
CA PHE A 341 11.24 -3.46 -3.45
C PHE A 341 12.07 -4.70 -3.56
N THR A 342 12.13 -5.50 -2.45
CA THR A 342 12.77 -6.78 -2.41
C THR A 342 11.79 -7.93 -2.41
N ASP A 343 12.28 -9.18 -2.27
CA ASP A 343 11.40 -10.31 -2.24
CA ASP A 343 11.38 -10.31 -2.23
C ASP A 343 10.55 -10.37 -0.98
N ARG A 344 10.89 -9.53 0.01
CA ARG A 344 10.14 -9.46 1.25
C ARG A 344 9.06 -8.41 1.22
N HIS A 345 8.82 -7.78 0.08
CA HIS A 345 7.79 -6.75 -0.15
C HIS A 345 6.86 -7.30 -1.19
N LEU A 346 5.87 -8.05 -0.74
CA LEU A 346 4.96 -8.73 -1.63
C LEU A 346 3.97 -7.78 -2.28
N VAL A 347 3.51 -8.07 -3.51
CA VAL A 347 2.42 -7.34 -4.05
C VAL A 347 1.10 -7.81 -3.43
N TRP A 348 0.22 -6.87 -3.12
CA TRP A 348 -1.10 -7.22 -2.61
C TRP A 348 -1.67 -8.41 -3.29
N LEU A 349 -2.19 -9.31 -2.44
CA LEU A 349 -2.72 -10.62 -2.93
C LEU A 349 -3.85 -10.43 -3.91
N GLN A 350 -4.63 -9.31 -3.68
CA GLN A 350 -5.82 -9.11 -4.55
C GLN A 350 -5.53 -8.76 -5.96
N GLN A 351 -4.22 -8.64 -6.29
CA GLN A 351 -3.84 -8.64 -7.67
C GLN A 351 -4.49 -9.78 -8.45
N TYR A 352 -4.62 -10.89 -7.75
CA TYR A 352 -5.10 -12.11 -8.38
C TYR A 352 -6.45 -12.54 -7.81
N TRP A 353 -7.20 -11.58 -7.20
CA TRP A 353 -8.58 -11.84 -6.73
C TRP A 353 -9.56 -11.05 -7.58
N THR A 354 -10.84 -11.41 -7.51
CA THR A 354 -11.85 -10.63 -8.29
C THR A 354 -12.56 -9.56 -7.45
N SER A 355 -12.27 -9.50 -6.16
CA SER A 355 -12.70 -8.43 -5.29
C SER A 355 -11.87 -8.53 -4.02
N GLU A 356 -12.11 -7.64 -3.06
CA GLU A 356 -11.42 -7.69 -1.80
C GLU A 356 -12.20 -7.37 -0.56
N ALA A 357 -13.29 -6.61 -0.71
CA ALA A 357 -14.02 -6.14 0.50
C ALA A 357 -14.40 -7.30 1.43
N ASP A 358 -14.86 -8.44 0.84
CA ASP A 358 -15.31 -9.50 1.68
C ASP A 358 -14.17 -10.15 2.51
N PHE A 359 -12.93 -10.01 1.99
CA PHE A 359 -11.81 -10.46 2.79
C PHE A 359 -11.59 -9.56 3.98
N HIS A 360 -11.78 -8.27 3.75
CA HIS A 360 -11.67 -7.29 4.86
C HIS A 360 -12.71 -7.68 5.90
N THR A 361 -13.94 -7.88 5.45
CA THR A 361 -15.02 -8.17 6.37
C THR A 361 -14.80 -9.45 7.20
N LEU A 362 -14.35 -10.52 6.56
CA LEU A 362 -14.18 -11.78 7.30
C LEU A 362 -13.06 -11.60 8.34
N THR A 363 -12.08 -10.82 7.97
CA THR A 363 -10.92 -10.56 8.90
C THR A 363 -11.40 -9.87 10.18
N MET A 364 -12.09 -8.75 9.95
CA MET A 364 -12.56 -7.98 11.13
C MET A 364 -13.65 -8.73 11.90
N ASN A 365 -14.49 -9.51 11.20
CA ASN A 365 -15.51 -10.25 11.87
C ASN A 365 -14.84 -11.27 12.82
N TYR A 366 -13.72 -11.84 12.40
CA TYR A 366 -13.00 -12.76 13.31
C TYR A 366 -12.47 -12.05 14.54
N VAL A 367 -11.90 -10.85 14.34
CA VAL A 367 -11.46 -10.04 15.49
C VAL A 367 -12.63 -9.84 16.46
N LEU A 368 -13.78 -9.55 15.89
N LEU A 368 -13.79 -9.54 15.88
CA LEU A 368 -14.97 -9.34 16.72
CA LEU A 368 -15.02 -9.30 16.69
C LEU A 368 -15.41 -10.60 17.48
C LEU A 368 -15.61 -10.54 17.39
N THR A 369 -15.60 -11.72 16.73
CA THR A 369 -16.31 -12.88 17.24
C THR A 369 -15.46 -14.04 17.73
N GLY A 370 -14.24 -14.17 17.23
CA GLY A 370 -13.46 -15.36 17.44
C GLY A 370 -14.01 -16.64 16.90
N ASP A 371 -14.92 -16.58 15.93
CA ASP A 371 -15.52 -17.78 15.41
C ASP A 371 -14.62 -18.32 14.32
N LYS A 372 -13.81 -19.31 14.69
CA LYS A 372 -12.81 -19.86 13.78
C LYS A 372 -13.46 -20.60 12.58
N GLN A 373 -14.39 -21.51 12.84
CA GLN A 373 -15.05 -22.20 11.72
C GLN A 373 -15.79 -21.24 10.87
N GLY A 374 -16.44 -20.25 11.47
CA GLY A 374 -17.07 -19.22 10.63
C GLY A 374 -16.12 -18.51 9.72
N MET A 375 -14.92 -18.24 10.24
CA MET A 375 -13.94 -17.58 9.37
C MET A 375 -13.55 -18.48 8.19
N VAL A 376 -13.34 -19.75 8.45
CA VAL A 376 -12.98 -20.70 7.40
C VAL A 376 -14.13 -20.74 6.42
N ASN A 377 -15.37 -20.83 6.90
CA ASN A 377 -16.49 -20.83 5.97
C ASN A 377 -16.47 -19.55 5.11
N ASP A 378 -16.26 -18.39 5.72
CA ASP A 378 -16.21 -17.11 4.99
C ASP A 378 -15.07 -17.09 3.96
N LEU A 379 -13.91 -17.71 4.28
CA LEU A 379 -12.83 -17.74 3.34
C LEU A 379 -13.30 -18.57 2.10
N ASN A 380 -13.85 -19.76 2.28
CA ASN A 380 -14.28 -20.58 1.15
C ASN A 380 -15.37 -19.88 0.37
N ALA A 381 -16.31 -19.22 1.07
CA ALA A 381 -17.34 -18.48 0.36
C ALA A 381 -16.80 -17.38 -0.51
N PHE A 382 -15.72 -16.73 -0.05
CA PHE A 382 -15.13 -15.61 -0.81
C PHE A 382 -14.27 -16.15 -1.97
N PHE A 383 -13.51 -17.24 -1.78
CA PHE A 383 -12.57 -17.71 -2.82
C PHE A 383 -13.28 -18.65 -3.79
N ASN A 384 -14.28 -19.44 -3.37
CA ASN A 384 -14.91 -20.42 -4.29
C ASN A 384 -15.37 -19.85 -5.59
N PRO A 385 -16.00 -18.67 -5.59
CA PRO A 385 -16.40 -18.15 -6.91
C PRO A 385 -15.28 -17.89 -7.87
N MET A 386 -14.12 -17.53 -7.31
CA MET A 386 -12.95 -17.23 -8.10
C MET A 386 -12.39 -18.47 -8.78
N LYS A 387 -12.72 -19.65 -8.25
CA LYS A 387 -12.18 -20.93 -8.68
C LYS A 387 -13.02 -21.60 -9.74
N MET A 388 -14.04 -20.94 -10.22
CA MET A 388 -14.79 -21.34 -11.49
C MET A 388 -14.60 -20.25 -12.55
#